data_5FGR
#
_entry.id   5FGR
#
_cell.length_a   57.603
_cell.length_b   75.252
_cell.length_c   117.388
_cell.angle_alpha   90.00
_cell.angle_beta   90.00
_cell.angle_gamma   90.00
#
_symmetry.space_group_name_H-M   'P 21 21 2'
#
loop_
_entity.id
_entity.type
_entity.pdbx_description
1 polymer 'Cell surface protein SpaA'
2 non-polymer 'YTTERBIUM (III) ION'
3 water water
#
_entity_poly.entity_id   1
_entity_poly.type   'polypeptide(L)'
_entity_poly.pdbx_seq_one_letter_code
;TYERTFVKKDAETKEVLEGAGFKISNSDGKFLKLTDKDGQSVSIGEGFIDVLANNYRLTWVAESDATVFTSDKSGKFGLN
GFADNTTTYTAVETNVPDGYDAAANTDFKADNSSSDILDAPSGILPLEHHHHHH
;
_entity_poly.pdbx_strand_id   A,B,C,D
#
loop_
_chem_comp.id
_chem_comp.type
_chem_comp.name
_chem_comp.formula
YB non-polymer 'YTTERBIUM (III) ION' 'Yb 3'
#
# COMPACT_ATOMS: atom_id res chain seq x y z
N THR A 1 -24.23 -19.24 12.21
CA THR A 1 -23.73 -18.23 11.21
C THR A 1 -24.57 -18.06 9.94
N TYR A 2 -24.24 -17.06 9.14
CA TYR A 2 -25.10 -16.63 8.04
C TYR A 2 -24.31 -16.32 6.77
N GLU A 3 -24.96 -16.43 5.61
CA GLU A 3 -24.31 -16.13 4.34
C GLU A 3 -25.06 -15.08 3.52
N ARG A 4 -24.42 -14.67 2.43
CA ARG A 4 -25.03 -13.76 1.48
C ARG A 4 -24.37 -13.96 0.13
N THR A 5 -25.16 -13.86 -0.91
CA THR A 5 -24.69 -14.12 -2.25
C THR A 5 -25.19 -13.03 -3.17
N PHE A 6 -24.35 -12.65 -4.12
CA PHE A 6 -24.69 -11.66 -5.13
C PHE A 6 -24.39 -12.18 -6.50
N VAL A 7 -25.16 -11.74 -7.48
CA VAL A 7 -24.90 -12.05 -8.87
C VAL A 7 -24.77 -10.77 -9.63
N LYS A 8 -23.66 -10.61 -10.34
CA LYS A 8 -23.39 -9.41 -11.08
C LYS A 8 -23.94 -9.59 -12.47
N LYS A 9 -24.67 -8.57 -12.94
CA LYS A 9 -25.30 -8.62 -14.27
C LYS A 9 -25.24 -7.31 -15.02
N ASP A 10 -25.32 -7.41 -16.34
CA ASP A 10 -25.48 -6.29 -17.23
C ASP A 10 -26.91 -5.77 -17.05
N ALA A 11 -27.06 -4.47 -16.81
CA ALA A 11 -28.37 -3.87 -16.61
C ALA A 11 -29.28 -3.96 -17.84
N GLU A 12 -28.73 -3.80 -19.04
CA GLU A 12 -29.55 -3.89 -20.26
C GLU A 12 -29.89 -5.34 -20.57
N THR A 13 -28.89 -6.17 -20.80
CA THR A 13 -29.09 -7.53 -21.28
C THR A 13 -29.38 -8.57 -20.20
N LYS A 14 -29.11 -8.25 -18.94
CA LYS A 14 -29.23 -9.22 -17.83
C LYS A 14 -28.23 -10.39 -17.93
N GLU A 15 -27.21 -10.24 -18.77
CA GLU A 15 -26.16 -11.24 -18.87
C GLU A 15 -25.27 -11.10 -17.63
N VAL A 16 -24.75 -12.22 -17.13
CA VAL A 16 -23.89 -12.19 -15.96
C VAL A 16 -22.54 -11.61 -16.29
N LEU A 17 -21.83 -11.06 -15.30
CA LEU A 17 -20.53 -10.43 -15.52
C LEU A 17 -19.43 -10.99 -14.64
N GLU A 18 -18.35 -11.44 -15.28
CA GLU A 18 -17.16 -11.90 -14.58
C GLU A 18 -16.22 -10.71 -14.33
N GLY A 19 -15.53 -10.71 -13.20
CA GLY A 19 -14.44 -9.76 -12.96
C GLY A 19 -14.79 -8.44 -12.27
N ALA A 20 -16.01 -8.28 -11.82
CA ALA A 20 -16.36 -7.10 -11.05
C ALA A 20 -15.98 -7.33 -9.58
N GLY A 21 -15.21 -6.41 -9.02
CA GLY A 21 -14.70 -6.55 -7.66
C GLY A 21 -15.41 -5.66 -6.66
N PHE A 22 -15.62 -6.20 -5.47
CA PHE A 22 -16.34 -5.50 -4.42
C PHE A 22 -15.65 -5.57 -3.08
N LYS A 23 -15.78 -4.50 -2.30
CA LYS A 23 -15.42 -4.53 -0.91
C LYS A 23 -16.69 -4.42 -0.10
N ILE A 24 -16.61 -4.82 1.17
CA ILE A 24 -17.76 -4.79 2.06
C ILE A 24 -17.51 -3.94 3.29
N SER A 25 -18.42 -3.00 3.53
CA SER A 25 -18.26 -1.99 4.53
C SER A 25 -19.30 -2.16 5.61
N ASN A 26 -18.97 -1.74 6.84
CA ASN A 26 -19.92 -1.72 7.95
C ASN A 26 -20.17 -0.29 8.39
N SER A 27 -21.04 -0.14 9.40
CA SER A 27 -21.48 1.18 9.90
C SER A 27 -20.33 2.06 10.42
N ASP A 28 -19.26 1.41 10.89
CA ASP A 28 -18.06 2.11 11.39
C ASP A 28 -17.08 2.48 10.29
N GLY A 29 -17.48 2.32 9.03
CA GLY A 29 -16.62 2.64 7.90
C GLY A 29 -15.37 1.78 7.88
N LYS A 30 -15.53 0.51 8.25
CA LYS A 30 -14.47 -0.47 8.18
C LYS A 30 -14.88 -1.54 7.20
N PHE A 31 -13.89 -2.24 6.68
CA PHE A 31 -14.13 -3.13 5.58
C PHE A 31 -13.69 -4.54 5.92
N LEU A 32 -14.35 -5.50 5.29
CA LEU A 32 -14.14 -6.90 5.60
C LEU A 32 -12.82 -7.43 5.04
N LYS A 33 -12.11 -8.17 5.86
CA LYS A 33 -10.90 -8.85 5.45
C LYS A 33 -10.93 -10.29 5.91
N LEU A 34 -10.65 -11.20 4.99
CA LEU A 34 -10.46 -12.61 5.35
C LEU A 34 -9.03 -12.94 5.70
N THR A 35 -8.89 -13.68 6.79
CA THR A 35 -7.58 -14.22 7.22
C THR A 35 -7.72 -15.70 7.49
N ASP A 36 -6.60 -16.40 7.55
CA ASP A 36 -6.63 -17.80 7.98
C ASP A 36 -6.71 -17.80 9.50
N LYS A 37 -6.75 -18.98 10.10
CA LYS A 37 -6.87 -19.06 11.55
C LYS A 37 -5.69 -18.52 12.35
N ASP A 38 -4.53 -18.35 11.70
CA ASP A 38 -3.36 -17.69 12.32
C ASP A 38 -3.32 -16.18 12.10
N GLY A 39 -4.41 -15.60 11.60
CA GLY A 39 -4.47 -14.16 11.34
C GLY A 39 -3.74 -13.68 10.10
N GLN A 40 -3.30 -14.58 9.23
CA GLN A 40 -2.55 -14.23 8.03
C GLN A 40 -3.49 -13.90 6.88
N SER A 41 -3.03 -13.05 5.98
CA SER A 41 -3.71 -12.82 4.72
C SER A 41 -3.83 -14.11 3.95
N VAL A 42 -4.93 -14.22 3.21
CA VAL A 42 -5.16 -15.33 2.33
C VAL A 42 -5.47 -14.81 0.93
N SER A 43 -4.95 -15.51 -0.05
CA SER A 43 -5.20 -15.21 -1.43
C SER A 43 -6.54 -15.86 -1.82
N ILE A 44 -7.55 -15.05 -2.10
CA ILE A 44 -8.84 -15.58 -2.55
C ILE A 44 -9.08 -15.27 -4.04
N GLY A 45 -9.94 -16.06 -4.66
CA GLY A 45 -10.20 -15.91 -6.09
C GLY A 45 -11.61 -15.39 -6.32
N GLU A 46 -12.07 -15.52 -7.56
CA GLU A 46 -13.41 -15.15 -7.93
C GLU A 46 -14.42 -16.08 -7.29
N GLY A 47 -15.63 -15.59 -7.08
CA GLY A 47 -16.75 -16.43 -6.72
C GLY A 47 -17.12 -16.39 -5.25
N PHE A 48 -17.99 -17.31 -4.87
CA PHE A 48 -18.43 -17.47 -3.49
C PHE A 48 -17.31 -18.09 -2.66
N ILE A 49 -17.05 -17.52 -1.49
CA ILE A 49 -16.00 -18.00 -0.65
C ILE A 49 -16.57 -18.76 0.54
N ASP A 50 -16.21 -20.05 0.64
CA ASP A 50 -16.64 -20.88 1.75
C ASP A 50 -15.69 -20.68 2.91
N VAL A 51 -15.99 -19.66 3.70
CA VAL A 51 -15.24 -19.36 4.91
C VAL A 51 -15.23 -20.53 5.88
N LEU A 52 -16.36 -21.23 6.02
CA LEU A 52 -16.47 -22.28 7.02
C LEU A 52 -15.58 -23.47 6.66
N ALA A 53 -15.72 -23.98 5.45
CA ALA A 53 -14.94 -25.12 5.01
C ALA A 53 -13.44 -24.85 5.14
N ASN A 54 -13.00 -23.65 4.82
CA ASN A 54 -11.56 -23.33 4.87
C ASN A 54 -11.06 -22.80 6.22
N ASN A 55 -11.96 -22.69 7.20
CA ASN A 55 -11.59 -22.25 8.52
C ASN A 55 -10.96 -20.83 8.52
N TYR A 56 -11.54 -19.92 7.75
CA TYR A 56 -11.08 -18.54 7.71
C TYR A 56 -11.75 -17.70 8.82
N ARG A 57 -11.18 -16.53 9.08
CA ARG A 57 -11.76 -15.56 10.03
C ARG A 57 -12.14 -14.26 9.31
N LEU A 58 -13.29 -13.72 9.66
CA LEU A 58 -13.70 -12.38 9.22
C LEU A 58 -13.22 -11.33 10.18
N THR A 59 -12.54 -10.30 9.65
CA THR A 59 -12.12 -9.16 10.47
C THR A 59 -12.50 -7.88 9.76
N TRP A 60 -12.56 -6.78 10.53
CA TRP A 60 -12.90 -5.47 10.01
C TRP A 60 -11.70 -4.58 10.06
N VAL A 61 -11.32 -4.02 8.92
CA VAL A 61 -10.07 -3.26 8.77
C VAL A 61 -10.29 -1.99 7.95
N ALA A 62 -9.22 -1.24 7.76
CA ALA A 62 -9.23 -0.06 6.89
C ALA A 62 -9.42 -0.45 5.42
N GLU A 63 -10.00 0.47 4.65
CA GLU A 63 -10.29 0.22 3.24
C GLU A 63 -9.12 -0.37 2.45
N SER A 64 -7.93 0.19 2.62
CA SER A 64 -6.81 -0.21 1.79
C SER A 64 -6.36 -1.65 2.05
N ASP A 65 -6.73 -2.22 3.19
CA ASP A 65 -6.31 -3.59 3.53
C ASP A 65 -7.42 -4.61 3.33
N ALA A 66 -8.56 -4.19 2.79
CA ALA A 66 -9.72 -5.04 2.73
C ALA A 66 -9.62 -6.11 1.66
N THR A 67 -10.35 -7.19 1.86
CA THR A 67 -10.49 -8.22 0.88
C THR A 67 -11.43 -7.76 -0.25
N VAL A 68 -10.99 -7.99 -1.49
CA VAL A 68 -11.82 -7.75 -2.67
C VAL A 68 -12.45 -9.05 -3.14
N PHE A 69 -13.77 -9.05 -3.25
CA PHE A 69 -14.52 -10.20 -3.71
C PHE A 69 -14.90 -9.94 -5.14
N THR A 70 -14.82 -10.97 -5.97
CA THR A 70 -14.97 -10.77 -7.39
C THR A 70 -15.94 -11.76 -8.01
N SER A 71 -16.82 -11.26 -8.86
CA SER A 71 -17.77 -12.10 -9.56
C SER A 71 -17.02 -13.08 -10.48
N ASP A 72 -17.54 -14.30 -10.56
CA ASP A 72 -16.89 -15.35 -11.29
C ASP A 72 -17.51 -15.54 -12.67
N LYS A 73 -17.15 -16.63 -13.32
CA LYS A 73 -17.67 -17.00 -14.65
C LYS A 73 -19.18 -16.91 -14.75
N SER A 74 -19.89 -17.21 -13.67
CA SER A 74 -21.36 -17.14 -13.64
C SER A 74 -21.90 -15.92 -12.89
N GLY A 75 -21.05 -14.90 -12.71
CA GLY A 75 -21.44 -13.67 -12.05
C GLY A 75 -21.57 -13.75 -10.54
N LYS A 76 -21.39 -14.92 -9.96
CA LYS A 76 -21.58 -15.11 -8.53
C LYS A 76 -20.42 -14.60 -7.72
N PHE A 77 -20.72 -14.04 -6.56
CA PHE A 77 -19.73 -13.91 -5.51
C PHE A 77 -20.44 -13.75 -4.17
N GLY A 78 -19.67 -13.83 -3.09
CA GLY A 78 -20.22 -13.69 -1.75
C GLY A 78 -19.48 -14.59 -0.79
N LEU A 79 -20.06 -14.78 0.39
CA LEU A 79 -19.44 -15.65 1.38
C LEU A 79 -20.40 -16.09 2.43
N ASN A 80 -19.99 -17.10 3.19
CA ASN A 80 -20.67 -17.48 4.41
C ASN A 80 -19.82 -17.08 5.62
N GLY A 81 -20.30 -17.38 6.82
CA GLY A 81 -19.51 -17.21 8.03
C GLY A 81 -19.72 -15.92 8.78
N PHE A 82 -20.72 -15.12 8.37
CA PHE A 82 -21.10 -13.94 9.15
C PHE A 82 -21.63 -14.33 10.54
N ALA A 83 -21.35 -13.50 11.53
CA ALA A 83 -21.85 -13.70 12.89
C ALA A 83 -23.27 -13.16 13.03
N ASP A 84 -23.53 -12.00 12.43
CA ASP A 84 -24.81 -11.31 12.67
C ASP A 84 -25.64 -11.09 11.41
N ASN A 85 -26.93 -11.43 11.50
CA ASN A 85 -27.87 -11.23 10.41
C ASN A 85 -28.79 -9.99 10.54
N THR A 86 -28.47 -9.12 11.50
CA THR A 86 -29.27 -7.91 11.73
C THR A 86 -28.49 -6.63 11.46
N THR A 87 -27.23 -6.74 11.06
CA THR A 87 -26.41 -5.57 10.83
C THR A 87 -26.43 -5.22 9.35
N THR A 88 -26.62 -3.94 9.06
CA THR A 88 -26.49 -3.42 7.71
C THR A 88 -25.04 -3.36 7.28
N TYR A 89 -24.76 -3.96 6.13
CA TYR A 89 -23.47 -3.81 5.45
C TYR A 89 -23.75 -3.23 4.09
N THR A 90 -22.69 -2.82 3.41
CA THR A 90 -22.77 -2.25 2.09
C THR A 90 -21.71 -2.84 1.16
N ALA A 91 -22.15 -3.37 0.02
CA ALA A 91 -21.22 -3.86 -1.01
C ALA A 91 -20.83 -2.68 -1.87
N VAL A 92 -19.54 -2.43 -1.99
CA VAL A 92 -19.05 -1.31 -2.75
C VAL A 92 -18.18 -1.82 -3.90
N GLU A 93 -18.55 -1.42 -5.12
CA GLU A 93 -17.85 -1.86 -6.32
C GLU A 93 -16.58 -1.08 -6.54
N THR A 94 -15.45 -1.68 -6.20
CA THR A 94 -14.16 -1.04 -6.35
C THR A 94 -13.47 -1.34 -7.66
N ASN A 95 -13.84 -2.43 -8.33
CA ASN A 95 -13.18 -2.83 -9.57
C ASN A 95 -14.20 -3.01 -10.65
N VAL A 96 -14.27 -2.08 -11.59
CA VAL A 96 -15.34 -2.08 -12.58
C VAL A 96 -14.82 -2.62 -13.90
N PRO A 97 -15.49 -3.62 -14.46
CA PRO A 97 -15.06 -4.10 -15.76
C PRO A 97 -15.19 -3.04 -16.85
N ASP A 98 -14.21 -3.02 -17.75
CA ASP A 98 -14.24 -2.13 -18.90
C ASP A 98 -15.52 -2.36 -19.65
N GLY A 99 -16.16 -1.27 -20.10
CA GLY A 99 -17.44 -1.34 -20.78
C GLY A 99 -18.61 -0.95 -19.90
N TYR A 100 -18.39 -0.89 -18.58
CA TYR A 100 -19.47 -0.63 -17.64
C TYR A 100 -19.19 0.50 -16.68
N ASP A 101 -20.26 1.06 -16.14
CA ASP A 101 -20.15 2.00 -15.05
C ASP A 101 -20.43 1.26 -13.77
N ALA A 102 -19.88 1.73 -12.67
CA ALA A 102 -20.10 1.10 -11.38
C ALA A 102 -21.59 1.10 -11.05
N ALA A 103 -22.00 0.05 -10.37
CA ALA A 103 -23.33 -0.02 -9.80
C ALA A 103 -23.37 0.87 -8.57
N ALA A 104 -24.55 1.37 -8.22
CA ALA A 104 -24.76 2.04 -6.95
C ALA A 104 -24.48 1.05 -5.82
N ASN A 105 -24.03 1.56 -4.67
CA ASN A 105 -23.78 0.74 -3.50
C ASN A 105 -25.01 -0.04 -3.13
N THR A 106 -24.80 -1.22 -2.55
CA THR A 106 -25.88 -2.13 -2.23
C THR A 106 -25.85 -2.40 -0.74
N ASP A 107 -26.84 -1.88 -0.03
CA ASP A 107 -27.03 -2.23 1.35
C ASP A 107 -27.59 -3.63 1.43
N PHE A 108 -27.16 -4.40 2.42
CA PHE A 108 -27.67 -5.75 2.62
C PHE A 108 -27.47 -6.24 4.05
N LYS A 109 -28.07 -7.39 4.32
CA LYS A 109 -27.83 -8.11 5.55
C LYS A 109 -27.45 -9.55 5.20
N ALA A 110 -26.69 -10.18 6.09
CA ALA A 110 -26.37 -11.58 5.92
C ALA A 110 -27.58 -12.39 6.29
N ASP A 111 -28.45 -12.62 5.32
CA ASP A 111 -29.77 -13.20 5.57
C ASP A 111 -29.95 -14.46 4.75
N ASN A 112 -28.84 -15.07 4.36
CA ASN A 112 -28.83 -16.28 3.55
C ASN A 112 -29.54 -16.15 2.22
N SER A 113 -29.60 -14.93 1.69
CA SER A 113 -30.32 -14.68 0.48
C SER A 113 -29.35 -14.34 -0.65
N SER A 114 -29.91 -14.18 -1.84
CA SER A 114 -29.14 -13.96 -3.03
C SER A 114 -29.82 -12.89 -3.85
N SER A 115 -29.09 -11.91 -4.32
CA SER A 115 -29.70 -10.85 -5.09
C SER A 115 -28.81 -10.38 -6.23
N ASP A 116 -29.43 -9.72 -7.19
CA ASP A 116 -28.72 -9.23 -8.36
C ASP A 116 -28.09 -7.89 -8.10
N ILE A 117 -26.96 -7.63 -8.73
CA ILE A 117 -26.38 -6.30 -8.78
C ILE A 117 -26.11 -5.96 -10.24
N LEU A 118 -26.59 -4.79 -10.64
CA LEU A 118 -26.67 -4.42 -12.04
C LEU A 118 -25.69 -3.33 -12.41
N ASP A 119 -25.00 -3.52 -13.53
CA ASP A 119 -24.02 -2.57 -14.03
C ASP A 119 -24.51 -2.04 -15.36
N ALA A 120 -24.60 -0.72 -15.49
CA ALA A 120 -25.03 -0.11 -16.75
C ALA A 120 -23.84 -0.06 -17.71
N PRO A 121 -24.05 -0.41 -18.99
CA PRO A 121 -22.99 -0.33 -20.01
C PRO A 121 -22.50 1.09 -20.23
N TYR B 2 26.67 12.51 -10.28
CA TYR B 2 26.97 13.00 -8.90
C TYR B 2 26.40 12.13 -7.77
N GLU B 3 27.09 12.14 -6.63
CA GLU B 3 26.63 11.39 -5.46
C GLU B 3 26.49 12.24 -4.18
N ARG B 4 25.94 11.62 -3.14
CA ARG B 4 25.85 12.23 -1.82
C ARG B 4 25.76 11.15 -0.77
N THR B 5 26.38 11.40 0.37
CA THR B 5 26.47 10.40 1.41
C THR B 5 26.14 11.07 2.73
N PHE B 6 25.45 10.32 3.58
CA PHE B 6 25.12 10.79 4.93
C PHE B 6 25.51 9.74 5.93
N VAL B 7 25.86 10.21 7.14
CA VAL B 7 26.14 9.32 8.25
C VAL B 7 25.22 9.68 9.39
N LYS B 8 24.47 8.70 9.87
CA LYS B 8 23.54 8.92 10.96
C LYS B 8 24.26 8.70 12.28
N LYS B 9 24.09 9.62 13.21
CA LYS B 9 24.75 9.56 14.50
C LYS B 9 23.86 10.01 15.64
N ASP B 10 24.20 9.51 16.83
CA ASP B 10 23.61 9.94 18.08
C ASP B 10 24.15 11.34 18.36
N ALA B 11 23.26 12.29 18.64
CA ALA B 11 23.67 13.66 18.91
C ALA B 11 24.53 13.81 20.17
N GLU B 12 24.21 13.06 21.22
CA GLU B 12 25.01 13.13 22.46
C GLU B 12 26.35 12.43 22.27
N THR B 13 26.32 11.12 22.01
CA THR B 13 27.53 10.30 22.02
C THR B 13 28.31 10.30 20.70
N LYS B 14 27.71 10.78 19.62
CA LYS B 14 28.32 10.73 18.28
C LYS B 14 28.54 9.29 17.76
N GLU B 15 27.88 8.31 18.40
CA GLU B 15 27.94 6.94 17.94
C GLU B 15 27.06 6.85 16.70
N VAL B 16 27.45 6.02 15.74
CA VAL B 16 26.70 5.86 14.50
C VAL B 16 25.42 5.06 14.76
N LEU B 17 24.39 5.25 13.94
CA LEU B 17 23.10 4.60 14.12
C LEU B 17 22.65 3.81 12.92
N GLU B 18 22.37 2.52 13.14
CA GLU B 18 21.81 1.67 12.11
C GLU B 18 20.29 1.76 12.16
N GLY B 19 19.65 1.67 11.00
CA GLY B 19 18.20 1.51 10.93
C GLY B 19 17.35 2.77 10.82
N ALA B 20 17.98 3.93 10.69
CA ALA B 20 17.21 5.17 10.48
C ALA B 20 16.88 5.30 9.00
N GLY B 21 15.61 5.46 8.69
CA GLY B 21 15.14 5.51 7.30
C GLY B 21 14.79 6.91 6.83
N PHE B 22 15.14 7.20 5.59
CA PHE B 22 14.94 8.51 5.01
C PHE B 22 14.31 8.46 3.63
N LYS B 23 13.51 9.46 3.32
CA LYS B 23 13.08 9.69 1.97
C LYS B 23 13.71 10.98 1.50
N ILE B 24 13.76 11.15 0.19
CA ILE B 24 14.36 12.33 -0.41
C ILE B 24 13.37 13.10 -1.26
N SER B 25 13.25 14.40 -0.98
CA SER B 25 12.26 15.24 -1.61
C SER B 25 12.97 16.26 -2.50
N ASN B 26 12.28 16.70 -3.53
CA ASN B 26 12.74 17.81 -4.35
C ASN B 26 11.82 19.01 -4.16
N SER B 27 12.13 20.09 -4.85
CA SER B 27 11.39 21.34 -4.73
C SER B 27 9.90 21.24 -5.05
N ASP B 28 9.56 20.29 -5.91
CA ASP B 28 8.16 20.05 -6.31
C ASP B 28 7.41 19.16 -5.32
N GLY B 29 8.01 18.88 -4.17
CA GLY B 29 7.39 18.01 -3.18
C GLY B 29 7.17 16.60 -3.70
N LYS B 30 8.12 16.12 -4.49
CA LYS B 30 8.09 14.75 -5.00
C LYS B 30 9.29 14.04 -4.44
N PHE B 31 9.22 12.72 -4.40
CA PHE B 31 10.19 11.95 -3.68
C PHE B 31 10.85 10.92 -4.56
N LEU B 32 12.08 10.62 -4.22
CA LEU B 32 12.91 9.77 -5.05
C LEU B 32 12.49 8.31 -4.97
N LYS B 33 12.41 7.66 -6.12
CA LYS B 33 12.16 6.24 -6.19
C LYS B 33 13.15 5.59 -7.12
N LEU B 34 13.79 4.52 -6.65
CA LEU B 34 14.64 3.72 -7.51
C LEU B 34 13.86 2.60 -8.21
N THR B 35 14.14 2.44 -9.49
CA THR B 35 13.61 1.35 -10.28
C THR B 35 14.74 0.68 -11.04
N ASP B 36 14.49 -0.52 -11.53
CA ASP B 36 15.47 -1.15 -12.41
C ASP B 36 15.31 -0.56 -13.80
N LYS B 37 16.12 -1.01 -14.75
CA LYS B 37 16.10 -0.45 -16.10
C LYS B 37 14.76 -0.73 -16.87
N ASP B 38 13.97 -1.70 -16.40
CA ASP B 38 12.61 -1.95 -16.94
C ASP B 38 11.49 -1.17 -16.23
N GLY B 39 11.86 -0.22 -15.36
CA GLY B 39 10.87 0.58 -14.62
C GLY B 39 10.21 -0.11 -13.44
N GLN B 40 10.72 -1.27 -13.04
CA GLN B 40 10.14 -2.04 -11.93
C GLN B 40 10.70 -1.58 -10.59
N SER B 41 9.90 -1.73 -9.54
CA SER B 41 10.36 -1.54 -8.17
C SER B 41 11.50 -2.49 -7.86
N VAL B 42 12.43 -2.02 -7.04
CA VAL B 42 13.53 -2.84 -6.58
C VAL B 42 13.58 -2.82 -5.07
N SER B 43 13.90 -3.97 -4.51
CA SER B 43 14.11 -4.10 -3.08
C SER B 43 15.54 -3.66 -2.75
N ILE B 44 15.70 -2.56 -2.03
CA ILE B 44 17.03 -2.12 -1.61
C ILE B 44 17.24 -2.35 -0.12
N GLY B 45 18.49 -2.40 0.30
CA GLY B 45 18.81 -2.61 1.70
C GLY B 45 19.39 -1.37 2.34
N GLU B 46 19.99 -1.55 3.50
CA GLU B 46 20.65 -0.48 4.21
C GLU B 46 21.90 -0.03 3.46
N GLY B 47 22.31 1.21 3.67
CA GLY B 47 23.61 1.67 3.22
C GLY B 47 23.58 2.50 1.97
N PHE B 48 24.78 2.76 1.46
CA PHE B 48 24.97 3.51 0.22
C PHE B 48 24.55 2.66 -0.97
N ILE B 49 23.78 3.23 -1.87
CA ILE B 49 23.27 2.49 -3.00
C ILE B 49 24.02 2.90 -4.26
N ASP B 50 24.72 1.93 -4.86
CA ASP B 50 25.43 2.16 -6.10
C ASP B 50 24.48 1.99 -7.26
N VAL B 51 23.80 3.08 -7.58
CA VAL B 51 22.86 3.13 -8.69
C VAL B 51 23.52 2.77 -10.00
N LEU B 52 24.75 3.24 -10.20
CA LEU B 52 25.44 3.04 -11.46
C LEU B 52 25.76 1.57 -11.68
N ALA B 53 26.41 0.95 -10.71
CA ALA B 53 26.80 -0.45 -10.81
C ALA B 53 25.59 -1.35 -11.08
N ASN B 54 24.47 -1.08 -10.42
CA ASN B 54 23.28 -1.92 -10.58
C ASN B 54 22.34 -1.50 -11.70
N ASN B 55 22.71 -0.44 -12.43
CA ASN B 55 21.93 -0.02 -13.56
C ASN B 55 20.49 0.34 -13.17
N TYR B 56 20.33 1.05 -12.06
CA TYR B 56 19.03 1.54 -11.64
C TYR B 56 18.68 2.91 -12.24
N ARG B 57 17.40 3.28 -12.17
CA ARG B 57 16.94 4.61 -12.61
C ARG B 57 16.36 5.40 -11.44
N LEU B 58 16.67 6.68 -11.37
CA LEU B 58 16.03 7.58 -10.42
C LEU B 58 14.76 8.15 -11.03
N THR B 59 13.65 8.08 -10.31
CA THR B 59 12.42 8.77 -10.69
C THR B 59 11.85 9.55 -9.52
N TRP B 60 10.97 10.50 -9.81
CA TRP B 60 10.34 11.33 -8.80
C TRP B 60 8.87 11.01 -8.73
N VAL B 61 8.40 10.63 -7.53
CA VAL B 61 7.05 10.13 -7.33
C VAL B 61 6.40 10.73 -6.09
N ALA B 62 5.15 10.34 -5.84
CA ALA B 62 4.44 10.71 -4.61
C ALA B 62 5.07 10.08 -3.37
N GLU B 63 4.95 10.76 -2.23
CA GLU B 63 5.54 10.31 -0.98
C GLU B 63 5.31 8.83 -0.67
N SER B 64 4.08 8.37 -0.82
CA SER B 64 3.75 7.00 -0.42
C SER B 64 4.47 5.93 -1.24
N ASP B 65 4.95 6.28 -2.43
CA ASP B 65 5.61 5.31 -3.30
C ASP B 65 7.11 5.44 -3.29
N ALA B 66 7.65 6.30 -2.44
CA ALA B 66 9.06 6.64 -2.49
C ALA B 66 9.94 5.54 -1.93
N THR B 67 11.17 5.51 -2.39
CA THR B 67 12.18 4.63 -1.83
C THR B 67 12.65 5.16 -0.48
N VAL B 68 12.73 4.26 0.50
CA VAL B 68 13.30 4.57 1.81
C VAL B 68 14.75 4.11 1.91
N PHE B 69 15.65 5.04 2.23
CA PHE B 69 17.08 4.75 2.36
C PHE B 69 17.38 4.65 3.81
N THR B 70 18.21 3.68 4.18
CA THR B 70 18.40 3.37 5.58
C THR B 70 19.87 3.29 5.95
N SER B 71 20.22 3.94 7.05
CA SER B 71 21.58 3.87 7.57
C SER B 71 21.96 2.42 7.91
N ASP B 72 23.21 2.08 7.64
CA ASP B 72 23.69 0.71 7.81
C ASP B 72 24.48 0.55 9.11
N LYS B 73 25.15 -0.59 9.23
CA LYS B 73 25.95 -0.94 10.41
C LYS B 73 26.92 0.17 10.83
N SER B 74 27.43 0.92 9.86
CA SER B 74 28.33 2.04 10.14
C SER B 74 27.66 3.42 9.99
N GLY B 75 26.32 3.44 10.04
CA GLY B 75 25.57 4.70 9.96
C GLY B 75 25.48 5.31 8.57
N LYS B 76 26.13 4.70 7.59
CA LYS B 76 26.16 5.26 6.23
C LYS B 76 24.88 5.01 5.47
N PHE B 77 24.49 5.99 4.66
CA PHE B 77 23.56 5.73 3.57
C PHE B 77 23.70 6.83 2.53
N GLY B 78 23.05 6.64 1.39
CA GLY B 78 23.09 7.61 0.30
C GLY B 78 23.09 6.90 -1.03
N LEU B 79 23.43 7.64 -2.08
CA LEU B 79 23.49 7.04 -3.41
C LEU B 79 24.27 7.89 -4.38
N ASN B 80 24.60 7.28 -5.52
CA ASN B 80 25.16 8.00 -6.65
C ASN B 80 24.12 8.05 -7.75
N GLY B 81 24.47 8.64 -8.88
CA GLY B 81 23.61 8.61 -10.08
C GLY B 81 22.70 9.81 -10.26
N PHE B 82 22.85 10.83 -9.43
CA PHE B 82 22.12 12.07 -9.63
C PHE B 82 22.54 12.73 -10.95
N ALA B 83 21.58 13.39 -11.59
CA ALA B 83 21.83 14.13 -12.82
C ALA B 83 22.37 15.52 -12.51
N ASP B 84 21.80 16.20 -11.52
CA ASP B 84 22.11 17.61 -11.25
C ASP B 84 22.70 17.90 -9.87
N ASN B 85 23.79 18.67 -9.86
CA ASN B 85 24.47 19.05 -8.62
C ASN B 85 24.19 20.50 -8.16
N THR B 86 23.18 21.13 -8.77
CA THR B 86 22.80 22.48 -8.42
C THR B 86 21.38 22.55 -7.82
N THR B 87 20.70 21.42 -7.72
CA THR B 87 19.33 21.39 -7.21
C THR B 87 19.33 21.06 -5.72
N THR B 88 18.56 21.81 -4.96
CA THR B 88 18.32 21.52 -3.56
C THR B 88 17.40 20.32 -3.42
N TYR B 89 17.85 19.35 -2.63
CA TYR B 89 17.00 18.27 -2.19
C TYR B 89 16.97 18.29 -0.67
N THR B 90 16.07 17.51 -0.10
CA THR B 90 15.89 17.44 1.33
C THR B 90 15.74 15.99 1.78
N ALA B 91 16.58 15.59 2.73
CA ALA B 91 16.48 14.26 3.34
C ALA B 91 15.49 14.35 4.47
N VAL B 92 14.46 13.50 4.44
CA VAL B 92 13.42 13.51 5.44
C VAL B 92 13.38 12.18 6.18
N GLU B 93 13.53 12.22 7.49
CA GLU B 93 13.60 11.02 8.30
C GLU B 93 12.19 10.48 8.57
N THR B 94 11.83 9.42 7.84
CA THR B 94 10.53 8.82 7.99
C THR B 94 10.50 7.65 8.97
N ASN B 95 11.64 7.03 9.23
CA ASN B 95 11.69 5.86 10.10
C ASN B 95 12.69 6.12 11.21
N VAL B 96 12.19 6.37 12.42
CA VAL B 96 13.07 6.77 13.51
C VAL B 96 13.33 5.58 14.42
N PRO B 97 14.61 5.29 14.70
CA PRO B 97 14.89 4.21 15.66
C PRO B 97 14.38 4.51 17.07
N ASP B 98 13.87 3.49 17.72
CA ASP B 98 13.42 3.59 19.09
C ASP B 98 14.54 4.18 19.93
N GLY B 99 14.19 5.08 20.83
CA GLY B 99 15.16 5.74 21.69
C GLY B 99 15.52 7.12 21.21
N TYR B 100 15.14 7.45 19.98
CA TYR B 100 15.54 8.72 19.37
C TYR B 100 14.37 9.51 18.84
N ASP B 101 14.58 10.82 18.76
CA ASP B 101 13.63 11.70 18.08
C ASP B 101 14.19 11.95 16.70
N ALA B 102 13.30 12.25 15.76
CA ALA B 102 13.71 12.52 14.40
C ALA B 102 14.63 13.73 14.36
N ALA B 103 15.58 13.67 13.44
CA ALA B 103 16.44 14.80 13.12
C ALA B 103 15.61 15.78 12.32
N ALA B 104 15.95 17.05 12.39
CA ALA B 104 15.36 18.06 11.51
C ALA B 104 15.72 17.70 10.07
N ASN B 105 14.87 18.09 9.12
CA ASN B 105 15.16 17.87 7.71
C ASN B 105 16.50 18.45 7.31
N THR B 106 17.14 17.82 6.34
CA THR B 106 18.50 18.19 5.91
C THR B 106 18.49 18.58 4.44
N ASP B 107 18.65 19.86 4.16
CA ASP B 107 18.79 20.30 2.79
C ASP B 107 20.18 19.91 2.32
N PHE B 108 20.30 19.52 1.06
CA PHE B 108 21.60 19.20 0.49
C PHE B 108 21.61 19.30 -1.03
N LYS B 109 22.82 19.19 -1.59
CA LYS B 109 23.01 19.04 -3.01
C LYS B 109 23.84 17.80 -3.28
N ALA B 110 23.65 17.22 -4.45
CA ALA B 110 24.47 16.09 -4.87
C ALA B 110 25.81 16.65 -5.29
N ASP B 111 26.71 16.80 -4.33
CA ASP B 111 27.98 17.49 -4.54
C ASP B 111 29.15 16.57 -4.20
N ASN B 112 28.91 15.27 -4.29
CA ASN B 112 29.91 14.25 -3.99
C ASN B 112 30.50 14.34 -2.59
N SER B 113 29.74 14.91 -1.64
CA SER B 113 30.25 15.12 -0.30
C SER B 113 29.56 14.19 0.67
N SER B 114 30.01 14.25 1.92
CA SER B 114 29.50 13.39 2.97
C SER B 114 29.31 14.21 4.25
N SER B 115 28.16 14.09 4.90
CA SER B 115 27.90 14.88 6.09
C SER B 115 27.10 14.10 7.14
N ASP B 116 27.17 14.57 8.39
CA ASP B 116 26.52 13.89 9.50
C ASP B 116 25.08 14.32 9.62
N ILE B 117 24.24 13.40 10.08
CA ILE B 117 22.89 13.74 10.51
C ILE B 117 22.68 13.19 11.92
N LEU B 118 22.20 14.06 12.80
CA LEU B 118 22.21 13.82 14.22
C LEU B 118 20.81 13.60 14.76
N ASP B 119 20.67 12.58 15.58
CA ASP B 119 19.41 12.24 16.22
C ASP B 119 19.57 12.40 17.73
N ALA B 120 18.68 13.18 18.35
CA ALA B 120 18.70 13.36 19.81
C ALA B 120 18.01 12.18 20.48
N PRO B 121 18.56 11.69 21.62
CA PRO B 121 17.91 10.68 22.45
C PRO B 121 16.64 11.13 23.16
N SER B 122 16.07 10.22 23.98
CA SER B 122 14.98 10.53 24.92
C SER B 122 13.74 11.11 24.22
N THR C 1 16.15 -2.53 28.85
CA THR C 1 14.87 -2.48 28.07
C THR C 1 13.60 -2.98 28.80
N TYR C 2 12.45 -2.76 28.19
CA TYR C 2 11.17 -2.93 28.87
C TYR C 2 10.15 -3.62 27.97
N GLU C 3 9.16 -4.27 28.59
CA GLU C 3 8.09 -4.92 27.84
C GLU C 3 6.67 -4.47 28.26
N ARG C 4 5.68 -4.93 27.52
CA ARG C 4 4.28 -4.70 27.85
C ARG C 4 3.45 -5.78 27.22
N THR C 5 2.41 -6.19 27.92
CA THR C 5 1.57 -7.29 27.48
C THR C 5 0.12 -6.91 27.64
N PHE C 6 -0.70 -7.34 26.68
CA PHE C 6 -2.13 -7.12 26.71
C PHE C 6 -2.88 -8.42 26.49
N VAL C 7 -4.07 -8.50 27.07
CA VAL C 7 -4.94 -9.64 26.84
C VAL C 7 -6.28 -9.11 26.31
N LYS C 8 -6.69 -9.62 25.15
CA LYS C 8 -7.93 -9.21 24.53
C LYS C 8 -9.06 -10.08 25.02
N LYS C 9 -10.15 -9.45 25.42
CA LYS C 9 -11.29 -10.17 25.99
C LYS C 9 -12.62 -9.60 25.54
N ASP C 10 -13.62 -10.46 25.58
CA ASP C 10 -15.01 -10.08 25.37
C ASP C 10 -15.44 -9.30 26.61
N ALA C 11 -16.03 -8.13 26.41
CA ALA C 11 -16.48 -7.30 27.52
C ALA C 11 -17.58 -7.95 28.36
N GLU C 12 -18.52 -8.65 27.72
CA GLU C 12 -19.60 -9.30 28.46
C GLU C 12 -19.08 -10.53 29.17
N THR C 13 -18.59 -11.50 28.42
CA THR C 13 -18.24 -12.80 28.97
C THR C 13 -16.86 -12.91 29.58
N LYS C 14 -15.98 -11.95 29.28
CA LYS C 14 -14.57 -12.01 29.72
C LYS C 14 -13.78 -13.15 29.08
N GLU C 15 -14.32 -13.74 28.02
CA GLU C 15 -13.63 -14.78 27.29
C GLU C 15 -12.56 -14.11 26.46
N VAL C 16 -11.43 -14.77 26.28
CA VAL C 16 -10.32 -14.19 25.53
C VAL C 16 -10.63 -14.21 24.04
N LEU C 17 -10.01 -13.32 23.28
CA LEU C 17 -10.27 -13.22 21.85
C LEU C 17 -9.05 -13.33 20.99
N GLU C 18 -9.08 -14.26 20.04
CA GLU C 18 -8.02 -14.41 19.05
C GLU C 18 -8.31 -13.52 17.85
N GLY C 19 -7.28 -12.97 17.23
CA GLY C 19 -7.41 -12.30 15.95
C GLY C 19 -7.66 -10.81 15.95
N ALA C 20 -7.64 -10.18 17.12
CA ALA C 20 -7.78 -8.71 17.16
C ALA C 20 -6.43 -8.09 16.92
N GLY C 21 -6.35 -7.19 15.94
CA GLY C 21 -5.09 -6.56 15.55
C GLY C 21 -4.95 -5.12 16.02
N PHE C 22 -3.75 -4.76 16.44
CA PHE C 22 -3.48 -3.46 16.99
C PHE C 22 -2.24 -2.84 16.40
N LYS C 23 -2.27 -1.52 16.28
CA LYS C 23 -1.07 -0.76 16.01
C LYS C 23 -0.73 0.06 17.24
N ILE C 24 0.50 0.48 17.34
CA ILE C 24 0.96 1.25 18.47
C ILE C 24 1.48 2.61 18.05
N SER C 25 0.94 3.65 18.70
CA SER C 25 1.24 5.03 18.36
C SER C 25 2.03 5.67 19.46
N ASN C 26 2.80 6.68 19.07
CA ASN C 26 3.46 7.54 20.02
C ASN C 26 2.87 8.95 19.92
N SER C 27 3.39 9.84 20.78
CA SER C 27 2.90 11.22 20.88
C SER C 27 3.00 12.02 19.57
N ASP C 28 3.97 11.65 18.73
CA ASP C 28 4.18 12.29 17.43
C ASP C 28 3.27 11.72 16.33
N GLY C 29 2.31 10.89 16.69
CA GLY C 29 1.42 10.27 15.71
C GLY C 29 2.17 9.37 14.74
N LYS C 30 3.17 8.66 15.24
CA LYS C 30 3.92 7.68 14.46
C LYS C 30 3.70 6.34 15.08
N PHE C 31 3.90 5.31 14.30
CA PHE C 31 3.50 3.99 14.71
C PHE C 31 4.65 3.03 14.66
N LEU C 32 4.60 2.03 15.52
CA LEU C 32 5.69 1.11 15.70
C LEU C 32 5.81 0.12 14.55
N LYS C 33 7.03 -0.07 14.09
CA LYS C 33 7.31 -1.08 13.06
C LYS C 33 8.49 -1.92 13.49
N LEU C 34 8.32 -3.24 13.42
CA LEU C 34 9.43 -4.16 13.60
C LEU C 34 10.17 -4.48 12.32
N THR C 35 11.49 -4.44 12.40
CA THR C 35 12.36 -4.84 11.29
C THR C 35 13.38 -5.82 11.82
N ASP C 36 14.03 -6.54 10.91
CA ASP C 36 15.16 -7.36 11.32
C ASP C 36 16.38 -6.46 11.45
N LYS C 37 17.53 -7.04 11.82
CA LYS C 37 18.75 -6.25 12.05
C LYS C 37 19.30 -5.56 10.78
N ASP C 38 18.89 -6.02 9.61
CA ASP C 38 19.22 -5.34 8.33
C ASP C 38 18.21 -4.28 7.89
N GLY C 39 17.27 -3.92 8.77
CA GLY C 39 16.23 -2.92 8.44
C GLY C 39 15.10 -3.40 7.55
N GLN C 40 15.00 -4.70 7.31
CA GLN C 40 13.95 -5.26 6.46
C GLN C 40 12.67 -5.52 7.23
N SER C 41 11.54 -5.47 6.53
CA SER C 41 10.26 -5.89 7.08
C SER C 41 10.33 -7.35 7.49
N VAL C 42 9.61 -7.68 8.55
CA VAL C 42 9.49 -9.05 9.02
C VAL C 42 8.03 -9.44 9.14
N SER C 43 7.73 -10.67 8.77
CA SER C 43 6.41 -11.23 8.92
C SER C 43 6.26 -11.73 10.37
N ILE C 44 5.40 -11.10 11.15
CA ILE C 44 5.15 -11.56 12.51
C ILE C 44 3.77 -12.19 12.60
N GLY C 45 3.58 -13.02 13.62
CA GLY C 45 2.33 -13.72 13.82
C GLY C 45 1.60 -13.19 15.03
N GLU C 46 0.63 -13.96 15.47
CA GLU C 46 -0.15 -13.62 16.64
C GLU C 46 0.71 -13.76 17.89
N GLY C 47 0.35 -13.02 18.93
CA GLY C 47 0.89 -13.26 20.26
C GLY C 47 1.96 -12.27 20.66
N PHE C 48 2.62 -12.58 21.77
CA PHE C 48 3.72 -11.78 22.30
C PHE C 48 4.96 -11.97 21.45
N ILE C 49 5.60 -10.86 21.08
CA ILE C 49 6.73 -10.92 20.18
C ILE C 49 7.99 -10.68 20.97
N ASP C 50 8.86 -11.68 20.97
CA ASP C 50 10.13 -11.60 21.64
C ASP C 50 11.14 -10.93 20.71
N VAL C 51 11.14 -9.60 20.74
CA VAL C 51 12.05 -8.80 19.96
C VAL C 51 13.50 -9.13 20.27
N LEU C 52 13.80 -9.39 21.54
CA LEU C 52 15.19 -9.60 21.95
C LEU C 52 15.72 -10.91 21.39
N ALA C 53 14.99 -12.00 21.61
CA ALA C 53 15.41 -13.31 21.11
C ALA C 53 15.62 -13.31 19.60
N ASN C 54 14.75 -12.63 18.85
CA ASN C 54 14.84 -12.63 17.38
C ASN C 54 15.68 -11.51 16.81
N ASN C 55 16.25 -10.69 17.67
CA ASN C 55 17.17 -9.66 17.24
C ASN C 55 16.50 -8.69 16.26
N TYR C 56 15.27 -8.29 16.57
CA TYR C 56 14.54 -7.29 15.80
C TYR C 56 14.84 -5.86 16.28
N ARG C 57 14.48 -4.88 15.44
CA ARG C 57 14.60 -3.46 15.79
C ARG C 57 13.22 -2.80 15.81
N LEU C 58 12.99 -1.94 16.79
CA LEU C 58 11.81 -1.09 16.81
C LEU C 58 12.07 0.21 16.10
N THR C 59 11.18 0.59 15.19
CA THR C 59 11.24 1.91 14.55
C THR C 59 9.88 2.57 14.54
N TRP C 60 9.85 3.88 14.34
CA TRP C 60 8.60 4.66 14.32
C TRP C 60 8.36 5.17 12.93
N VAL C 61 7.21 4.83 12.37
CA VAL C 61 6.89 5.11 10.99
C VAL C 61 5.47 5.64 10.81
N ALA C 62 5.10 5.93 9.57
CA ALA C 62 3.72 6.30 9.23
C ALA C 62 2.73 5.15 9.44
N GLU C 63 1.49 5.49 9.72
CA GLU C 63 0.45 4.50 10.01
C GLU C 63 0.39 3.36 8.98
N SER C 64 0.43 3.69 7.71
CA SER C 64 0.23 2.68 6.67
C SER C 64 1.36 1.64 6.63
N ASP C 65 2.52 1.96 7.19
CA ASP C 65 3.65 1.03 7.18
C ASP C 65 3.86 0.32 8.50
N ALA C 66 2.96 0.51 9.46
CA ALA C 66 3.17 0.02 10.80
C ALA C 66 2.96 -1.48 10.94
N THR C 67 3.61 -2.05 11.94
CA THR C 67 3.39 -3.44 12.31
C THR C 67 2.06 -3.60 13.04
N VAL C 68 1.28 -4.59 12.63
CA VAL C 68 0.06 -4.98 13.31
C VAL C 68 0.29 -6.16 14.25
N PHE C 69 -0.03 -5.97 15.54
CA PHE C 69 0.11 -7.00 16.57
C PHE C 69 -1.23 -7.60 16.81
N THR C 70 -1.27 -8.92 16.97
CA THR C 70 -2.54 -9.61 16.99
C THR C 70 -2.64 -10.56 18.16
N SER C 71 -3.78 -10.51 18.84
CA SER C 71 -4.04 -11.42 19.95
C SER C 71 -4.03 -12.88 19.44
N ASP C 72 -3.49 -13.76 20.28
CA ASP C 72 -3.36 -15.14 19.93
C ASP C 72 -4.50 -16.02 20.51
N LYS C 73 -4.31 -17.33 20.43
CA LYS C 73 -5.27 -18.31 20.95
C LYS C 73 -5.72 -18.00 22.38
N SER C 74 -4.82 -17.45 23.21
CA SER C 74 -5.14 -17.12 24.59
C SER C 74 -5.35 -15.61 24.81
N GLY C 75 -5.63 -14.89 23.72
CA GLY C 75 -5.87 -13.46 23.79
C GLY C 75 -4.66 -12.59 24.03
N LYS C 76 -3.49 -13.19 24.19
CA LYS C 76 -2.28 -12.44 24.48
C LYS C 76 -1.71 -11.75 23.26
N PHE C 77 -1.17 -10.57 23.45
CA PHE C 77 -0.20 -10.02 22.51
C PHE C 77 0.64 -8.97 23.21
N GLY C 78 1.68 -8.51 22.53
CA GLY C 78 2.59 -7.50 23.08
C GLY C 78 4.00 -7.76 22.65
N LEU C 79 4.95 -7.10 23.30
CA LEU C 79 6.34 -7.28 22.95
C LEU C 79 7.27 -6.78 24.03
N ASN C 80 8.53 -7.16 23.91
CA ASN C 80 9.60 -6.61 24.71
C ASN C 80 10.49 -5.75 23.83
N GLY C 81 11.55 -5.19 24.41
CA GLY C 81 12.56 -4.46 23.64
C GLY C 81 12.38 -2.95 23.57
N PHE C 82 11.43 -2.38 24.31
CA PHE C 82 11.26 -0.92 24.36
C PHE C 82 12.46 -0.27 25.01
N ALA C 83 12.81 0.92 24.55
CA ALA C 83 13.91 1.69 25.11
C ALA C 83 13.45 2.46 26.35
N ASP C 84 12.25 3.06 26.30
CA ASP C 84 11.79 3.97 27.35
C ASP C 84 10.50 3.53 28.06
N ASN C 85 10.53 3.57 29.39
CA ASN C 85 9.38 3.21 30.23
C ASN C 85 8.62 4.41 30.81
N THR C 86 8.92 5.61 30.32
CA THR C 86 8.26 6.82 30.79
C THR C 86 7.43 7.50 29.70
N THR C 87 7.42 6.94 28.50
CA THR C 87 6.70 7.55 27.37
C THR C 87 5.32 6.91 27.27
N THR C 88 4.32 7.76 27.10
CA THR C 88 2.97 7.32 26.80
C THR C 88 2.89 6.82 25.36
N TYR C 89 2.39 5.60 25.20
CA TYR C 89 2.02 5.07 23.91
C TYR C 89 0.55 4.75 23.96
N THR C 90 -0.01 4.48 22.79
CA THR C 90 -1.41 4.14 22.67
C THR C 90 -1.58 2.91 21.76
N ALA C 91 -2.28 1.91 22.25
CA ALA C 91 -2.65 0.76 21.45
C ALA C 91 -3.95 1.10 20.71
N VAL C 92 -3.93 0.97 19.39
CA VAL C 92 -5.09 1.28 18.57
C VAL C 92 -5.54 0.04 17.82
N GLU C 93 -6.79 -0.33 18.01
CA GLU C 93 -7.34 -1.52 17.40
C GLU C 93 -7.72 -1.29 15.96
N THR C 94 -6.90 -1.76 15.05
CA THR C 94 -7.15 -1.59 13.64
C THR C 94 -7.88 -2.75 12.99
N ASN C 95 -7.83 -3.94 13.60
CA ASN C 95 -8.45 -5.13 13.00
C ASN C 95 -9.40 -5.73 14.01
N VAL C 96 -10.69 -5.60 13.78
CA VAL C 96 -11.68 -6.00 14.76
C VAL C 96 -12.31 -7.30 14.33
N PRO C 97 -12.35 -8.28 15.22
CA PRO C 97 -13.00 -9.53 14.88
C PRO C 97 -14.49 -9.36 14.66
N ASP C 98 -15.01 -10.08 13.68
CA ASP C 98 -16.44 -10.07 13.40
C ASP C 98 -17.18 -10.45 14.67
N GLY C 99 -18.28 -9.76 14.95
CA GLY C 99 -19.06 -9.97 16.17
C GLY C 99 -18.78 -8.94 17.23
N TYR C 100 -17.71 -8.14 17.05
CA TYR C 100 -17.33 -7.15 18.05
C TYR C 100 -17.15 -5.75 17.51
N ASP C 101 -17.26 -4.77 18.40
CA ASP C 101 -16.90 -3.39 18.09
C ASP C 101 -15.51 -3.17 18.65
N ALA C 102 -14.80 -2.24 18.06
CA ALA C 102 -13.48 -1.90 18.52
C ALA C 102 -13.51 -1.40 19.97
N ALA C 103 -12.45 -1.71 20.69
CA ALA C 103 -12.24 -1.17 22.02
C ALA C 103 -11.77 0.25 21.87
N ALA C 104 -12.04 1.07 22.89
CA ALA C 104 -11.47 2.40 22.96
C ALA C 104 -9.94 2.28 23.01
N ASN C 105 -9.25 3.29 22.52
CA ASN C 105 -7.79 3.30 22.58
C ASN C 105 -7.29 3.15 23.99
N THR C 106 -6.12 2.54 24.13
CA THR C 106 -5.55 2.22 25.43
C THR C 106 -4.20 2.90 25.56
N ASP C 107 -4.13 3.91 26.41
CA ASP C 107 -2.86 4.51 26.74
C ASP C 107 -2.10 3.57 27.65
N PHE C 108 -0.78 3.50 27.47
CA PHE C 108 0.05 2.68 28.34
C PHE C 108 1.51 3.11 28.33
N LYS C 109 2.28 2.50 29.23
CA LYS C 109 3.72 2.63 29.24
C LYS C 109 4.35 1.25 29.24
N ALA C 110 5.55 1.16 28.69
CA ALA C 110 6.30 -0.07 28.72
C ALA C 110 6.83 -0.24 30.12
N ASP C 111 6.03 -0.84 30.99
CA ASP C 111 6.33 -0.91 32.42
C ASP C 111 6.37 -2.36 32.89
N ASN C 112 6.65 -3.26 31.95
CA ASN C 112 6.71 -4.70 32.23
C ASN C 112 5.43 -5.28 32.85
N SER C 113 4.30 -4.65 32.57
CA SER C 113 3.03 -5.06 33.17
C SER C 113 2.12 -5.68 32.13
N SER C 114 0.97 -6.16 32.58
CA SER C 114 0.01 -6.84 31.73
C SER C 114 -1.40 -6.36 32.06
N SER C 115 -2.20 -6.02 31.06
CA SER C 115 -3.56 -5.55 31.32
C SER C 115 -4.57 -6.01 30.27
N ASP C 116 -5.84 -5.98 30.64
CA ASP C 116 -6.92 -6.42 29.74
C ASP C 116 -7.36 -5.34 28.79
N ILE C 117 -7.77 -5.74 27.60
CA ILE C 117 -8.46 -4.86 26.69
C ILE C 117 -9.76 -5.52 26.25
N LEU C 118 -10.85 -4.77 26.36
CA LEU C 118 -12.20 -5.30 26.27
C LEU C 118 -12.91 -4.85 25.00
N ASP C 119 -13.56 -5.80 24.32
CA ASP C 119 -14.30 -5.55 23.11
C ASP C 119 -15.75 -5.88 23.37
N ALA C 120 -16.63 -4.93 23.06
CA ALA C 120 -18.06 -5.14 23.26
C ALA C 120 -18.62 -5.88 22.06
N PRO C 121 -19.55 -6.83 22.30
CA PRO C 121 -20.30 -7.52 21.21
C PRO C 121 -21.29 -6.64 20.42
N SER C 122 -22.04 -7.29 19.52
CA SER C 122 -23.09 -6.64 18.71
C SER C 122 -22.51 -5.57 17.78
N THR D 1 -12.87 -3.23 -30.81
CA THR D 1 -12.01 -2.53 -29.80
C THR D 1 -11.04 -1.48 -30.38
N TYR D 2 -10.42 -0.72 -29.49
CA TYR D 2 -9.66 0.46 -29.90
C TYR D 2 -8.35 0.58 -29.15
N GLU D 3 -7.37 1.27 -29.75
CA GLU D 3 -6.08 1.49 -29.11
C GLU D 3 -5.69 2.96 -28.99
N ARG D 4 -4.60 3.21 -28.28
CA ARG D 4 -4.02 4.54 -28.18
C ARG D 4 -2.54 4.41 -27.87
N THR D 5 -1.75 5.30 -28.44
CA THR D 5 -0.31 5.25 -28.28
C THR D 5 0.22 6.64 -27.95
N PHE D 6 1.22 6.69 -27.08
CA PHE D 6 1.86 7.93 -26.69
C PHE D 6 3.35 7.80 -26.84
N VAL D 7 4.00 8.92 -27.15
CA VAL D 7 5.45 8.97 -27.18
C VAL D 7 5.92 10.06 -26.23
N LYS D 8 6.80 9.69 -25.31
CA LYS D 8 7.32 10.62 -24.32
C LYS D 8 8.56 11.27 -24.86
N LYS D 9 8.61 12.60 -24.76
CA LYS D 9 9.72 13.37 -25.29
C LYS D 9 10.15 14.51 -24.39
N ASP D 10 11.40 14.92 -24.55
CA ASP D 10 11.93 16.11 -23.94
C ASP D 10 11.33 17.30 -24.67
N ALA D 11 10.78 18.25 -23.92
CA ALA D 11 10.16 19.43 -24.50
C ALA D 11 11.14 20.32 -25.28
N GLU D 12 12.37 20.48 -24.78
CA GLU D 12 13.35 21.31 -25.49
C GLU D 12 13.89 20.58 -26.70
N THR D 13 14.53 19.44 -26.48
CA THR D 13 15.24 18.75 -27.55
C THR D 13 14.40 17.83 -28.42
N LYS D 14 13.19 17.49 -27.98
CA LYS D 14 12.33 16.51 -28.68
C LYS D 14 12.91 15.09 -28.70
N GLU D 15 13.89 14.84 -27.86
CA GLU D 15 14.47 13.51 -27.73
C GLU D 15 13.48 12.66 -26.96
N VAL D 16 13.36 11.39 -27.31
CA VAL D 16 12.43 10.49 -26.63
C VAL D 16 12.93 10.15 -25.24
N LEU D 17 12.01 9.78 -24.34
CA LEU D 17 12.37 9.50 -22.95
C LEU D 17 11.91 8.14 -22.46
N GLU D 18 12.87 7.35 -21.97
CA GLU D 18 12.58 6.05 -21.39
C GLU D 18 12.30 6.23 -19.89
N GLY D 19 11.39 5.43 -19.35
CA GLY D 19 11.19 5.36 -17.91
C GLY D 19 10.15 6.29 -17.28
N ALA D 20 9.41 7.04 -18.08
CA ALA D 20 8.34 7.86 -17.53
C ALA D 20 7.11 7.00 -17.35
N GLY D 21 6.54 7.00 -16.15
CA GLY D 21 5.41 6.14 -15.81
C GLY D 21 4.10 6.90 -15.70
N PHE D 22 3.03 6.28 -16.21
CA PHE D 22 1.72 6.91 -16.29
C PHE D 22 0.63 6.00 -15.81
N LYS D 23 -0.37 6.61 -15.19
CA LYS D 23 -1.62 5.93 -14.91
C LYS D 23 -2.69 6.56 -15.77
N ILE D 24 -3.78 5.83 -15.95
CA ILE D 24 -4.88 6.29 -16.78
C ILE D 24 -6.16 6.38 -15.99
N SER D 25 -6.79 7.54 -16.04
CA SER D 25 -7.95 7.84 -15.23
C SER D 25 -9.17 8.00 -16.15
N ASN D 26 -10.34 7.72 -15.60
CA ASN D 26 -11.59 8.00 -16.28
C ASN D 26 -12.34 9.09 -15.53
N SER D 27 -13.51 9.45 -16.06
CA SER D 27 -14.33 10.53 -15.52
C SER D 27 -14.76 10.31 -14.06
N ASP D 28 -14.86 9.05 -13.65
CA ASP D 28 -15.23 8.68 -12.29
C ASP D 28 -14.03 8.68 -11.33
N GLY D 29 -12.89 9.19 -11.77
CA GLY D 29 -11.69 9.20 -10.95
C GLY D 29 -11.22 7.80 -10.58
N LYS D 30 -11.35 6.87 -11.51
CA LYS D 30 -10.87 5.50 -11.33
C LYS D 30 -9.80 5.26 -12.36
N PHE D 31 -8.94 4.29 -12.10
CA PHE D 31 -7.75 4.14 -12.89
C PHE D 31 -7.67 2.74 -13.46
N LEU D 32 -7.02 2.65 -14.60
CA LEU D 32 -6.96 1.41 -15.35
C LEU D 32 -6.02 0.38 -14.71
N LYS D 33 -6.49 -0.86 -14.64
CA LYS D 33 -5.67 -1.98 -14.16
C LYS D 33 -5.78 -3.15 -15.11
N LEU D 34 -4.62 -3.70 -15.51
CA LEU D 34 -4.61 -4.91 -16.31
C LEU D 34 -4.53 -6.16 -15.46
N THR D 35 -5.35 -7.14 -15.81
CA THR D 35 -5.32 -8.45 -15.18
C THR D 35 -5.25 -9.50 -16.27
N ASP D 36 -4.90 -10.72 -15.91
CA ASP D 36 -5.04 -11.82 -16.84
C ASP D 36 -6.50 -12.25 -16.89
N LYS D 37 -6.81 -13.26 -17.69
CA LYS D 37 -8.20 -13.69 -17.81
C LYS D 37 -8.82 -14.30 -16.56
N ASP D 38 -7.99 -14.72 -15.61
CA ASP D 38 -8.46 -15.20 -14.31
C ASP D 38 -8.60 -14.10 -13.26
N GLY D 39 -8.48 -12.84 -13.67
CA GLY D 39 -8.55 -11.70 -12.74
C GLY D 39 -7.31 -11.45 -11.88
N GLN D 40 -6.19 -12.10 -12.20
CA GLN D 40 -4.95 -11.93 -11.43
C GLN D 40 -4.13 -10.75 -11.93
N SER D 41 -3.36 -10.13 -11.03
CA SER D 41 -2.42 -9.06 -11.39
C SER D 41 -1.38 -9.64 -12.32
N VAL D 42 -0.92 -8.82 -13.24
CA VAL D 42 0.11 -9.20 -14.18
C VAL D 42 1.24 -8.20 -14.09
N SER D 43 2.46 -8.70 -14.18
CA SER D 43 3.63 -7.86 -14.24
C SER D 43 3.84 -7.40 -15.69
N ILE D 44 3.69 -6.11 -15.96
CA ILE D 44 3.93 -5.59 -17.30
C ILE D 44 5.23 -4.81 -17.32
N GLY D 45 5.79 -4.62 -18.51
CA GLY D 45 7.01 -3.86 -18.67
C GLY D 45 6.79 -2.54 -19.37
N GLU D 46 7.89 -1.95 -19.83
CA GLU D 46 7.84 -0.71 -20.59
C GLU D 46 7.20 -0.95 -21.95
N GLY D 47 6.62 0.10 -22.51
CA GLY D 47 6.20 0.07 -23.91
C GLY D 47 4.73 -0.14 -24.13
N PHE D 48 4.37 -0.37 -25.39
CA PHE D 48 3.00 -0.62 -25.79
C PHE D 48 2.60 -2.02 -25.34
N ILE D 49 1.42 -2.14 -24.75
CA ILE D 49 0.97 -3.43 -24.24
C ILE D 49 -0.13 -4.00 -25.11
N ASP D 50 0.15 -5.18 -25.67
CA ASP D 50 -0.80 -5.84 -26.54
C ASP D 50 -1.72 -6.66 -25.68
N VAL D 51 -2.78 -6.00 -25.22
CA VAL D 51 -3.81 -6.63 -24.42
C VAL D 51 -4.46 -7.80 -25.14
N LEU D 52 -4.71 -7.63 -26.44
CA LEU D 52 -5.43 -8.65 -27.20
C LEU D 52 -4.63 -9.93 -27.35
N ALA D 53 -3.39 -9.80 -27.80
CA ALA D 53 -2.53 -10.97 -27.97
C ALA D 53 -2.37 -11.76 -26.66
N ASN D 54 -2.23 -11.07 -25.54
CA ASN D 54 -2.01 -11.73 -24.25
C ASN D 54 -3.27 -12.09 -23.49
N ASN D 55 -4.42 -11.76 -24.07
CA ASN D 55 -5.69 -12.11 -23.46
C ASN D 55 -5.86 -11.49 -22.07
N TYR D 56 -5.49 -10.22 -21.92
CA TYR D 56 -5.66 -9.51 -20.66
C TYR D 56 -7.04 -8.86 -20.55
N ARG D 57 -7.42 -8.45 -19.33
CA ARG D 57 -8.66 -7.70 -19.10
C ARG D 57 -8.37 -6.31 -18.55
N LEU D 58 -9.10 -5.32 -19.06
CA LEU D 58 -9.07 -3.98 -18.50
C LEU D 58 -10.11 -3.84 -17.41
N THR D 59 -9.70 -3.33 -16.26
CA THR D 59 -10.63 -2.99 -15.19
C THR D 59 -10.34 -1.60 -14.66
N TRP D 60 -11.31 -1.02 -13.98
CA TRP D 60 -11.18 0.32 -13.39
C TRP D 60 -11.16 0.21 -11.88
N VAL D 61 -10.10 0.72 -11.27
CA VAL D 61 -9.86 0.55 -9.83
C VAL D 61 -9.42 1.84 -9.17
N ALA D 62 -9.19 1.79 -7.86
CA ALA D 62 -8.61 2.91 -7.11
C ALA D 62 -7.17 3.21 -7.54
N GLU D 63 -6.76 4.46 -7.39
CA GLU D 63 -5.44 4.91 -7.81
C GLU D 63 -4.31 4.00 -7.34
N SER D 64 -4.33 3.62 -6.07
CA SER D 64 -3.21 2.88 -5.51
C SER D 64 -3.04 1.49 -6.14
N ASP D 65 -4.07 0.95 -6.77
CA ASP D 65 -4.01 -0.40 -7.34
C ASP D 65 -3.85 -0.38 -8.84
N ALA D 66 -3.67 0.79 -9.42
CA ALA D 66 -3.68 0.92 -10.86
C ALA D 66 -2.41 0.41 -11.50
N THR D 67 -2.53 0.00 -12.75
CA THR D 67 -1.37 -0.34 -13.57
C THR D 67 -0.61 0.91 -14.00
N VAL D 68 0.71 0.87 -13.84
CA VAL D 68 1.60 1.92 -14.34
C VAL D 68 2.20 1.54 -15.70
N PHE D 69 1.99 2.40 -16.69
CA PHE D 69 2.52 2.19 -18.04
C PHE D 69 3.73 3.06 -18.17
N THR D 70 4.76 2.54 -18.82
CA THR D 70 6.04 3.22 -18.84
C THR D 70 6.62 3.31 -20.23
N SER D 71 7.10 4.50 -20.58
CA SER D 71 7.73 4.71 -21.87
C SER D 71 8.99 3.83 -22.00
N ASP D 72 9.20 3.32 -23.19
CA ASP D 72 10.29 2.38 -23.45
C ASP D 72 11.50 3.07 -24.06
N LYS D 73 12.42 2.26 -24.55
CA LYS D 73 13.65 2.72 -25.22
C LYS D 73 13.40 3.79 -26.29
N SER D 74 12.28 3.69 -26.98
CA SER D 74 11.91 4.66 -28.01
C SER D 74 10.80 5.63 -27.57
N GLY D 75 10.60 5.76 -26.27
CA GLY D 75 9.61 6.67 -25.71
C GLY D 75 8.18 6.23 -25.84
N LYS D 76 7.93 5.09 -26.48
CA LYS D 76 6.58 4.61 -26.72
C LYS D 76 5.95 4.01 -25.48
N PHE D 77 4.66 4.22 -25.32
CA PHE D 77 3.85 3.35 -24.47
C PHE D 77 2.40 3.47 -24.88
N GLY D 78 1.56 2.61 -24.32
CA GLY D 78 0.13 2.62 -24.61
C GLY D 78 -0.41 1.21 -24.62
N LEU D 79 -1.62 1.05 -25.14
CA LEU D 79 -2.22 -0.26 -25.22
C LEU D 79 -3.37 -0.30 -26.21
N ASN D 80 -3.77 -1.51 -26.53
CA ASN D 80 -5.01 -1.75 -27.26
C ASN D 80 -6.05 -2.37 -26.31
N GLY D 81 -7.22 -2.69 -26.84
CA GLY D 81 -8.23 -3.43 -26.10
C GLY D 81 -9.28 -2.60 -25.38
N PHE D 82 -9.30 -1.30 -25.62
CA PHE D 82 -10.38 -0.44 -25.09
C PHE D 82 -11.73 -0.82 -25.69
N ALA D 83 -12.78 -0.71 -24.89
CA ALA D 83 -14.15 -0.97 -25.34
C ALA D 83 -14.74 0.26 -26.04
N ASP D 84 -14.50 1.46 -25.50
CA ASP D 84 -15.14 2.68 -25.99
C ASP D 84 -14.20 3.77 -26.51
N ASN D 85 -14.51 4.29 -27.70
CA ASN D 85 -13.72 5.35 -28.34
C ASN D 85 -14.33 6.75 -28.23
N THR D 86 -15.35 6.88 -27.39
CA THR D 86 -16.02 8.17 -27.18
C THR D 86 -15.86 8.71 -25.76
N THR D 87 -15.15 7.97 -24.91
CA THR D 87 -14.97 8.37 -23.53
C THR D 87 -13.64 9.10 -23.37
N THR D 88 -13.68 10.22 -22.67
CA THR D 88 -12.48 10.95 -22.29
C THR D 88 -11.75 10.22 -21.18
N TYR D 89 -10.47 9.95 -21.42
CA TYR D 89 -9.58 9.46 -20.38
C TYR D 89 -8.48 10.47 -20.25
N THR D 90 -7.69 10.31 -19.19
CA THR D 90 -6.59 11.20 -18.91
C THR D 90 -5.33 10.40 -18.51
N ALA D 91 -4.23 10.66 -19.20
CA ALA D 91 -2.94 10.07 -18.85
C ALA D 91 -2.29 10.94 -17.79
N VAL D 92 -1.95 10.34 -16.66
CA VAL D 92 -1.37 11.08 -15.55
C VAL D 92 0.01 10.53 -15.25
N GLU D 93 1.00 11.42 -15.30
CA GLU D 93 2.37 11.03 -15.09
C GLU D 93 2.68 10.88 -13.62
N THR D 94 2.76 9.65 -13.16
CA THR D 94 3.05 9.36 -11.77
C THR D 94 4.53 9.14 -11.46
N ASN D 95 5.31 8.78 -12.46
CA ASN D 95 6.73 8.51 -12.27
C ASN D 95 7.55 9.36 -13.22
N VAL D 96 8.23 10.37 -12.68
CA VAL D 96 8.93 11.35 -13.49
C VAL D 96 10.43 11.09 -13.50
N PRO D 97 11.03 11.01 -14.69
CA PRO D 97 12.48 10.77 -14.74
C PRO D 97 13.26 11.94 -14.18
N ASP D 98 14.35 11.60 -13.49
CA ASP D 98 15.27 12.61 -12.95
C ASP D 98 15.68 13.54 -14.07
N GLY D 99 15.72 14.83 -13.78
CA GLY D 99 16.05 15.85 -14.77
C GLY D 99 14.84 16.55 -15.34
N TYR D 100 13.65 16.01 -15.11
CA TYR D 100 12.43 16.55 -15.72
C TYR D 100 11.33 16.88 -14.73
N ASP D 101 10.45 17.78 -15.13
CA ASP D 101 9.22 18.03 -14.40
C ASP D 101 8.12 17.26 -15.09
N ALA D 102 7.08 16.90 -14.34
CA ALA D 102 5.96 16.18 -14.90
C ALA D 102 5.30 16.98 -16.01
N ALA D 103 4.81 16.28 -17.00
CA ALA D 103 3.99 16.87 -18.04
C ALA D 103 2.63 17.14 -17.45
N ALA D 104 1.94 18.15 -17.99
CA ALA D 104 0.54 18.37 -17.67
C ALA D 104 -0.24 17.13 -18.09
N ASN D 105 -1.33 16.86 -17.40
CA ASN D 105 -2.20 15.74 -17.76
C ASN D 105 -2.65 15.83 -19.21
N THR D 106 -2.89 14.68 -19.81
CA THR D 106 -3.22 14.60 -21.23
C THR D 106 -4.56 13.92 -21.37
N ASP D 107 -5.57 14.69 -21.76
CA ASP D 107 -6.86 14.13 -22.09
C ASP D 107 -6.75 13.43 -23.44
N PHE D 108 -7.43 12.31 -23.59
CA PHE D 108 -7.45 11.60 -24.85
C PHE D 108 -8.65 10.69 -25.01
N LYS D 109 -8.81 10.16 -26.21
CA LYS D 109 -9.74 9.09 -26.47
C LYS D 109 -9.01 7.93 -27.13
N ALA D 110 -9.55 6.73 -26.94
CA ALA D 110 -9.02 5.57 -27.61
C ALA D 110 -9.49 5.65 -29.05
N ASP D 111 -8.71 6.32 -29.88
CA ASP D 111 -9.12 6.62 -31.26
C ASP D 111 -8.09 6.07 -32.26
N ASN D 112 -7.36 5.05 -31.83
CA ASN D 112 -6.33 4.42 -32.65
C ASN D 112 -5.27 5.40 -33.15
N SER D 113 -5.03 6.47 -32.41
CA SER D 113 -4.06 7.48 -32.82
C SER D 113 -2.84 7.46 -31.91
N SER D 114 -1.87 8.29 -32.26
CA SER D 114 -0.61 8.36 -31.55
C SER D 114 -0.22 9.83 -31.38
N SER D 115 0.19 10.22 -30.18
CA SER D 115 0.55 11.61 -29.95
C SER D 115 1.71 11.75 -28.97
N ASP D 116 2.35 12.92 -29.01
CA ASP D 116 3.49 13.18 -28.16
C ASP D 116 3.06 13.68 -26.79
N ILE D 117 3.86 13.35 -25.78
CA ILE D 117 3.75 13.97 -24.47
C ILE D 117 5.11 14.50 -24.07
N LEU D 118 5.12 15.77 -23.66
CA LEU D 118 6.34 16.53 -23.49
C LEU D 118 6.65 16.80 -22.03
N ASP D 119 7.91 16.58 -21.65
CA ASP D 119 8.41 16.84 -20.31
C ASP D 119 9.45 17.95 -20.36
N ALA D 120 9.27 18.99 -19.56
CA ALA D 120 10.22 20.11 -19.51
C ALA D 120 11.38 19.75 -18.59
N PRO D 121 12.62 20.10 -18.97
CA PRO D 121 13.80 19.93 -18.11
C PRO D 121 13.82 20.81 -16.87
N SER D 122 14.95 20.77 -16.15
CA SER D 122 15.19 21.59 -14.95
C SER D 122 14.19 21.27 -13.84
YB YB E . -8.85 -20.79 -9.94
YB YB F . -26.81 2.93 1.56
YB YB G . -31.76 -11.98 -11.63
YB YB H . -22.25 6.47 -18.45
YB YB I . 31.72 12.88 11.70
YB YB J . 10.59 22.30 -11.51
YB YB K . -6.81 7.40 25.06
YB YB L . 22.24 -9.38 8.33
YB YB M . -22.12 -1.35 19.97
YB YB N . -6.58 18.38 -19.23
#